data_7HU6
#
_entry.id   7HU6
#
_cell.length_a   99.164
_cell.length_b   99.126
_cell.length_c   128.699
_cell.angle_alpha   90.00
_cell.angle_beta   90.00
_cell.angle_gamma   90.00
#
_symmetry.space_group_name_H-M   'I 2 2 2'
#
loop_
_entity.id
_entity.type
_entity.pdbx_description
1 polymer 'Oleoyl-acyl carrier protein thioesterase 1, chloroplastic'
2 non-polymer N-ethyl-6-methylpyridazin-3-amine
3 water water
#
_entity_poly.entity_id   1
_entity_poly.type   'polypeptide(L)'
_entity_poly.pdbx_seq_one_letter_code
;MGSLTEDGLSYKEKFVVRSYEVGSNKTATVETIANLLQEVGCNHAQSVGFSTDGFATTTTMRKLHLIWVTARMHIEIYKY
PAWGDVVEIETWCQSEGRIGTRRDWILKDSVTGEVTGRATSKWVMMNQDTRRLQKVSDDVRDEYLVFCPQEPRLAFPEEN
NRSLKKIPKLEDPAQYSMIGLKPRRADLDMNQHVNNVTYIGWVLESIPQEIVDTHELQVITLDYRRECQQDDVVDSLTTT
TSEIGGTNGSATSGTQGHNDSQFLHLLRLSGDGQEINRGTTLWRKKPSSHHHHHH
;
_entity_poly.pdbx_strand_id   A,B
#
loop_
_chem_comp.id
_chem_comp.type
_chem_comp.name
_chem_comp.formula
K3J non-polymer N-ethyl-6-methylpyridazin-3-amine 'C7 H11 N3'
#
# COMPACT_ATOMS: atom_id res chain seq x y z
N GLY A 2 -17.92 -1.84 10.00
CA GLY A 2 -18.02 -3.14 9.34
C GLY A 2 -18.87 -4.11 10.16
N SER A 3 -19.83 -4.77 9.50
CA SER A 3 -20.68 -5.72 10.22
C SER A 3 -21.28 -6.78 9.31
N LEU A 4 -21.60 -7.95 9.89
CA LEU A 4 -22.32 -9.01 9.21
C LEU A 4 -23.75 -8.49 8.96
N THR A 5 -24.39 -8.97 7.89
CA THR A 5 -25.77 -8.58 7.56
C THR A 5 -26.77 -9.15 8.59
N GLU A 6 -28.06 -8.82 8.45
CA GLU A 6 -29.10 -9.28 9.36
C GLU A 6 -29.11 -10.81 9.51
N ASP A 7 -28.97 -11.54 8.40
CA ASP A 7 -29.00 -13.00 8.43
C ASP A 7 -27.66 -13.64 8.86
N GLY A 8 -26.58 -12.87 8.91
CA GLY A 8 -25.27 -13.39 9.29
C GLY A 8 -24.58 -14.22 8.23
N LEU A 9 -25.09 -14.22 6.99
CA LEU A 9 -24.50 -15.01 5.90
C LEU A 9 -23.65 -14.20 4.90
N SER A 10 -23.40 -12.92 5.19
CA SER A 10 -22.57 -12.00 4.37
C SER A 10 -22.07 -10.81 5.25
N TYR A 11 -21.05 -10.08 4.80
CA TYR A 11 -20.43 -9.00 5.59
C TYR A 11 -20.28 -7.73 4.76
N LYS A 12 -20.51 -6.56 5.38
CA LYS A 12 -20.40 -5.29 4.68
C LYS A 12 -19.42 -4.35 5.36
N GLU A 13 -18.70 -3.52 4.58
CA GLU A 13 -17.78 -2.52 5.12
C GLU A 13 -17.60 -1.28 4.20
N LYS A 14 -17.54 -0.08 4.81
CA LYS A 14 -17.34 1.15 4.06
C LYS A 14 -15.88 1.59 4.14
N PHE A 15 -15.32 2.08 3.00
CA PHE A 15 -13.94 2.53 2.91
C PHE A 15 -13.89 3.93 2.27
N VAL A 16 -13.19 4.88 2.90
CA VAL A 16 -13.02 6.21 2.32
C VAL A 16 -11.74 6.11 1.49
N VAL A 17 -11.80 6.41 0.18
CA VAL A 17 -10.62 6.30 -0.71
C VAL A 17 -9.50 7.31 -0.34
N ARG A 18 -8.32 6.79 0.01
CA ARG A 18 -7.17 7.59 0.43
C ARG A 18 -6.37 8.18 -0.72
N SER A 19 -5.71 9.33 -0.47
CA SER A 19 -4.88 10.07 -1.42
C SER A 19 -3.83 9.20 -2.09
N TYR A 20 -3.11 8.35 -1.30
CA TYR A 20 -2.09 7.47 -1.87
C TYR A 20 -2.62 6.22 -2.60
N GLU A 21 -3.94 6.00 -2.52
CA GLU A 21 -4.56 4.83 -3.13
C GLU A 21 -5.00 5.06 -4.60
N VAL A 22 -5.05 6.34 -5.05
CA VAL A 22 -5.53 6.67 -6.41
C VAL A 22 -4.41 6.76 -7.48
N GLY A 23 -4.81 6.64 -8.76
CA GLY A 23 -3.89 6.75 -9.89
C GLY A 23 -3.88 8.15 -10.49
N SER A 24 -3.42 8.28 -11.74
N SER A 24 -3.41 8.29 -11.75
N SER A 24 -3.42 8.28 -11.74
CA SER A 24 -3.34 9.57 -12.46
CA SER A 24 -3.34 9.60 -12.43
CA SER A 24 -3.34 9.57 -12.46
C SER A 24 -4.70 10.24 -12.63
C SER A 24 -4.71 10.26 -12.64
C SER A 24 -4.70 10.24 -12.63
N ASN A 25 -5.77 9.45 -12.69
CA ASN A 25 -7.14 9.96 -12.89
C ASN A 25 -7.87 10.30 -11.56
N LYS A 26 -7.14 10.29 -10.41
CA LYS A 26 -7.67 10.59 -9.08
C LYS A 26 -8.78 9.62 -8.64
N THR A 27 -8.71 8.36 -9.08
CA THR A 27 -9.64 7.29 -8.70
C THR A 27 -8.82 6.04 -8.29
N ALA A 28 -9.33 5.25 -7.32
CA ALA A 28 -8.64 4.07 -6.79
C ALA A 28 -8.08 3.15 -7.88
N THR A 29 -6.83 2.71 -7.71
CA THR A 29 -6.18 1.78 -8.63
C THR A 29 -6.81 0.39 -8.45
N VAL A 30 -6.64 -0.52 -9.43
CA VAL A 30 -7.15 -1.89 -9.30
C VAL A 30 -6.44 -2.62 -8.12
N GLU A 31 -5.20 -2.24 -7.80
CA GLU A 31 -4.49 -2.83 -6.67
C GLU A 31 -5.06 -2.36 -5.36
N THR A 32 -5.58 -1.11 -5.27
CA THR A 32 -6.24 -0.66 -4.03
C THR A 32 -7.57 -1.43 -3.84
N ILE A 33 -8.28 -1.66 -4.93
CA ILE A 33 -9.52 -2.43 -4.94
C ILE A 33 -9.23 -3.86 -4.47
N ALA A 34 -8.32 -4.62 -5.14
CA ALA A 34 -7.96 -5.98 -4.71
C ALA A 34 -7.53 -6.08 -3.21
N ASN A 35 -6.90 -5.01 -2.67
CA ASN A 35 -6.52 -4.92 -1.26
C ASN A 35 -7.76 -4.77 -0.36
N LEU A 36 -8.72 -3.92 -0.77
CA LEU A 36 -9.97 -3.68 -0.04
C LEU A 36 -10.82 -4.97 0.02
N LEU A 37 -10.81 -5.77 -1.07
CA LEU A 37 -11.51 -7.06 -1.13
C LEU A 37 -10.87 -8.03 -0.11
N GLN A 38 -9.54 -8.03 -0.04
CA GLN A 38 -8.72 -8.83 0.87
C GLN A 38 -9.04 -8.46 2.32
N GLU A 39 -9.09 -7.14 2.63
CA GLU A 39 -9.43 -6.60 3.95
C GLU A 39 -10.84 -6.96 4.40
N VAL A 40 -11.86 -6.80 3.53
CA VAL A 40 -13.23 -7.14 3.94
C VAL A 40 -13.37 -8.68 4.08
N GLY A 41 -12.63 -9.45 3.27
CA GLY A 41 -12.57 -10.91 3.40
C GLY A 41 -12.03 -11.34 4.76
N CYS A 42 -10.93 -10.71 5.21
N CYS A 42 -10.96 -10.70 5.19
N CYS A 42 -10.93 -10.71 5.21
CA CYS A 42 -10.35 -11.03 6.51
CA CYS A 42 -10.29 -10.95 6.45
CA CYS A 42 -10.35 -11.03 6.51
C CYS A 42 -11.26 -10.63 7.65
C CYS A 42 -11.21 -10.58 7.63
C CYS A 42 -11.26 -10.63 7.65
N ASN A 43 -11.96 -9.49 7.51
CA ASN A 43 -12.89 -9.03 8.54
C ASN A 43 -14.17 -9.92 8.62
N HIS A 44 -14.65 -10.47 7.49
CA HIS A 44 -15.79 -11.40 7.52
C HIS A 44 -15.35 -12.69 8.24
N ALA A 45 -14.10 -13.18 8.03
CA ALA A 45 -13.61 -14.38 8.70
C ALA A 45 -13.44 -14.18 10.22
N GLN A 46 -12.99 -12.99 10.63
CA GLN A 46 -12.73 -12.61 12.03
C GLN A 46 -14.03 -12.47 12.80
N SER A 47 -15.04 -11.86 12.16
N SER A 47 -15.05 -11.86 12.16
N SER A 47 -15.04 -11.86 12.16
CA SER A 47 -16.35 -11.65 12.75
CA SER A 47 -16.34 -11.66 12.80
CA SER A 47 -16.35 -11.65 12.75
C SER A 47 -17.15 -12.95 12.98
C SER A 47 -17.12 -12.96 13.03
C SER A 47 -17.15 -12.95 12.98
N VAL A 48 -16.72 -14.07 12.39
CA VAL A 48 -17.43 -15.34 12.55
C VAL A 48 -16.63 -16.42 13.33
N GLY A 49 -15.43 -16.09 13.82
CA GLY A 49 -14.65 -17.03 14.61
C GLY A 49 -13.23 -17.33 14.15
N PHE A 50 -13.00 -17.37 12.82
CA PHE A 50 -11.70 -17.70 12.24
C PHE A 50 -10.65 -16.63 12.50
N SER A 51 -9.81 -16.83 13.51
CA SER A 51 -8.78 -15.85 13.84
C SER A 51 -7.53 -16.48 14.43
N GLY A 54 -3.59 -17.51 10.12
CA GLY A 54 -4.14 -18.11 8.91
C GLY A 54 -5.53 -17.60 8.55
N PHE A 55 -5.73 -17.21 7.26
CA PHE A 55 -7.03 -16.73 6.80
C PHE A 55 -8.06 -17.86 6.70
N ALA A 56 -9.16 -17.74 7.47
CA ALA A 56 -10.29 -18.67 7.52
C ALA A 56 -9.88 -20.12 7.83
N THR A 57 -8.85 -20.29 8.64
CA THR A 57 -8.36 -21.60 9.03
C THR A 57 -9.28 -22.19 10.08
N THR A 58 -9.88 -23.34 9.79
CA THR A 58 -10.76 -24.01 10.77
C THR A 58 -9.90 -24.69 11.85
N THR A 59 -10.50 -25.09 12.98
CA THR A 59 -9.74 -25.77 14.04
C THR A 59 -9.16 -27.13 13.57
N THR A 60 -9.75 -27.72 12.52
CA THR A 60 -9.24 -28.95 11.92
C THR A 60 -8.10 -28.61 10.93
N MET A 61 -8.21 -27.51 10.20
CA MET A 61 -7.14 -27.07 9.29
C MET A 61 -5.87 -26.66 10.06
N ARG A 62 -6.00 -26.20 11.29
CA ARG A 62 -4.87 -25.71 12.09
C ARG A 62 -3.96 -26.86 12.57
N LYS A 63 -4.57 -27.90 13.17
CA LYS A 63 -3.85 -29.07 13.65
C LYS A 63 -3.22 -29.80 12.45
N LEU A 64 -3.98 -29.91 11.33
CA LEU A 64 -3.53 -30.59 10.11
C LEU A 64 -2.55 -29.80 9.26
N HIS A 65 -2.25 -28.53 9.62
CA HIS A 65 -1.34 -27.67 8.87
C HIS A 65 -1.86 -27.37 7.45
N LEU A 66 -3.19 -27.19 7.34
CA LEU A 66 -3.86 -26.89 6.07
C LEU A 66 -4.20 -25.42 5.99
N ILE A 67 -4.12 -24.85 4.78
CA ILE A 67 -4.43 -23.44 4.49
C ILE A 67 -5.30 -23.27 3.24
N TRP A 68 -6.00 -22.15 3.14
CA TRP A 68 -6.78 -21.79 1.95
C TRP A 68 -5.84 -20.98 1.05
N VAL A 69 -5.67 -21.38 -0.22
CA VAL A 69 -4.83 -20.59 -1.13
C VAL A 69 -5.66 -20.14 -2.35
N THR A 70 -5.36 -18.95 -2.89
CA THR A 70 -6.10 -18.46 -4.08
C THR A 70 -5.68 -19.26 -5.32
N ALA A 71 -6.66 -19.82 -6.04
CA ALA A 71 -6.37 -20.49 -7.31
C ALA A 71 -6.72 -19.48 -8.45
N ARG A 72 -7.79 -18.69 -8.30
CA ARG A 72 -8.18 -17.71 -9.32
C ARG A 72 -8.84 -16.50 -8.72
N MET A 73 -8.59 -15.33 -9.32
CA MET A 73 -9.24 -14.08 -8.94
C MET A 73 -9.81 -13.42 -10.21
N HIS A 74 -11.06 -12.99 -10.18
CA HIS A 74 -11.67 -12.33 -11.31
C HIS A 74 -12.34 -11.05 -10.84
N ILE A 75 -11.86 -9.90 -11.31
CA ILE A 75 -12.40 -8.61 -10.91
C ILE A 75 -12.90 -7.88 -12.15
N GLU A 76 -14.11 -7.34 -12.10
CA GLU A 76 -14.66 -6.55 -13.19
C GLU A 76 -15.17 -5.22 -12.59
N ILE A 77 -14.58 -4.07 -12.97
CA ILE A 77 -14.96 -2.73 -12.48
C ILE A 77 -15.72 -1.87 -13.54
N TYR A 78 -16.82 -1.19 -13.14
CA TYR A 78 -17.63 -0.31 -13.99
C TYR A 78 -17.26 1.18 -13.76
N LYS A 79 -16.93 1.52 -12.51
CA LYS A 79 -16.52 2.87 -12.09
C LYS A 79 -15.53 2.75 -10.91
N TYR A 80 -14.31 3.30 -11.06
CA TYR A 80 -13.34 3.29 -9.98
C TYR A 80 -13.72 4.45 -9.06
N PRO A 81 -13.89 4.20 -7.74
CA PRO A 81 -14.32 5.29 -6.84
C PRO A 81 -13.30 6.42 -6.75
N ALA A 82 -13.78 7.67 -6.71
CA ALA A 82 -12.88 8.82 -6.63
C ALA A 82 -12.24 8.98 -5.23
N TRP A 83 -11.09 9.67 -5.18
CA TRP A 83 -10.38 9.99 -3.94
C TRP A 83 -11.33 10.83 -3.03
N GLY A 84 -11.58 10.32 -1.82
CA GLY A 84 -12.49 10.98 -0.89
C GLY A 84 -13.89 10.38 -0.87
N ASP A 85 -14.24 9.61 -1.91
CA ASP A 85 -15.52 8.94 -2.00
C ASP A 85 -15.57 7.74 -1.04
N VAL A 86 -16.79 7.26 -0.75
CA VAL A 86 -16.95 6.09 0.11
C VAL A 86 -17.43 4.93 -0.74
N VAL A 87 -16.77 3.77 -0.61
CA VAL A 87 -17.16 2.58 -1.35
C VAL A 87 -17.67 1.54 -0.36
N GLU A 88 -18.87 0.96 -0.60
CA GLU A 88 -19.40 -0.09 0.27
C GLU A 88 -19.22 -1.48 -0.40
N ILE A 89 -18.48 -2.40 0.23
CA ILE A 89 -18.28 -3.74 -0.32
C ILE A 89 -19.04 -4.83 0.49
N GLU A 90 -19.74 -5.73 -0.22
CA GLU A 90 -20.40 -6.87 0.43
C GLU A 90 -19.70 -8.19 0.02
N THR A 91 -19.31 -9.01 1.00
CA THR A 91 -18.64 -10.26 0.70
C THR A 91 -19.33 -11.45 1.36
N TRP A 92 -19.22 -12.60 0.71
CA TRP A 92 -19.77 -13.86 1.20
C TRP A 92 -18.98 -15.03 0.64
N CYS A 93 -18.97 -16.16 1.35
N CYS A 93 -18.97 -16.15 1.36
N CYS A 93 -18.97 -16.16 1.35
CA CYS A 93 -18.29 -17.36 0.90
CA CYS A 93 -18.29 -17.36 0.97
CA CYS A 93 -18.29 -17.36 0.90
C CYS A 93 -19.30 -18.47 0.65
C CYS A 93 -19.29 -18.49 0.69
C CYS A 93 -19.30 -18.47 0.65
N GLN A 94 -18.96 -19.38 -0.25
CA GLN A 94 -19.83 -20.49 -0.60
C GLN A 94 -19.05 -21.76 -0.88
N SER A 95 -19.57 -22.91 -0.43
CA SER A 95 -18.91 -24.19 -0.64
C SER A 95 -19.06 -24.62 -2.11
N GLU A 96 -18.01 -25.22 -2.67
CA GLU A 96 -18.05 -25.75 -4.03
C GLU A 96 -17.69 -27.25 -3.99
N GLY A 97 -18.25 -27.96 -3.01
CA GLY A 97 -17.98 -29.37 -2.81
C GLY A 97 -16.54 -29.63 -2.41
N ARG A 98 -15.98 -30.70 -2.95
CA ARG A 98 -14.60 -31.08 -2.63
C ARG A 98 -13.53 -30.24 -3.35
N ILE A 99 -13.94 -29.41 -4.34
CA ILE A 99 -12.98 -28.57 -5.05
C ILE A 99 -12.38 -27.53 -4.09
N GLY A 100 -13.25 -26.88 -3.33
CA GLY A 100 -12.88 -25.86 -2.35
C GLY A 100 -14.00 -24.85 -2.16
N THR A 101 -13.65 -23.63 -1.77
CA THR A 101 -14.59 -22.54 -1.56
C THR A 101 -14.51 -21.49 -2.69
N ARG A 102 -15.57 -20.69 -2.82
CA ARG A 102 -15.65 -19.58 -3.74
C ARG A 102 -16.00 -18.36 -2.88
N ARG A 103 -15.19 -17.30 -2.92
CA ARG A 103 -15.52 -16.08 -2.18
C ARG A 103 -15.90 -15.01 -3.18
N ASP A 104 -17.08 -14.38 -3.01
CA ASP A 104 -17.59 -13.34 -3.93
C ASP A 104 -17.70 -11.94 -3.30
N TRP A 105 -17.77 -10.90 -4.14
CA TRP A 105 -17.86 -9.51 -3.71
C TRP A 105 -18.73 -8.71 -4.65
N ILE A 106 -19.39 -7.66 -4.11
CA ILE A 106 -20.18 -6.68 -4.84
C ILE A 106 -19.67 -5.33 -4.35
N LEU A 107 -19.13 -4.51 -5.27
CA LEU A 107 -18.66 -3.16 -4.90
C LEU A 107 -19.82 -2.22 -5.21
N LYS A 108 -20.16 -1.31 -4.28
CA LYS A 108 -21.26 -0.35 -4.47
C LYS A 108 -20.87 1.09 -4.11
N ASP A 109 -21.52 2.06 -4.74
CA ASP A 109 -21.31 3.48 -4.45
C ASP A 109 -22.15 3.75 -3.21
N SER A 110 -21.56 4.33 -2.15
CA SER A 110 -22.27 4.61 -0.91
C SER A 110 -23.30 5.75 -0.96
N VAL A 111 -23.26 6.60 -2.01
CA VAL A 111 -24.20 7.70 -2.13
C VAL A 111 -25.39 7.32 -3.02
N THR A 112 -25.12 6.68 -4.17
CA THR A 112 -26.18 6.31 -5.12
C THR A 112 -26.72 4.87 -4.95
N GLY A 113 -25.98 4.02 -4.26
CA GLY A 113 -26.34 2.61 -4.10
C GLY A 113 -26.09 1.76 -5.33
N GLU A 114 -25.60 2.36 -6.43
CA GLU A 114 -25.37 1.63 -7.68
C GLU A 114 -24.14 0.72 -7.56
N VAL A 115 -24.18 -0.45 -8.23
CA VAL A 115 -23.03 -1.37 -8.26
C VAL A 115 -21.96 -0.79 -9.19
N THR A 116 -20.75 -0.56 -8.66
CA THR A 116 -19.62 -0.05 -9.44
C THR A 116 -18.59 -1.13 -9.83
N GLY A 117 -18.81 -2.36 -9.39
CA GLY A 117 -17.91 -3.45 -9.69
C GLY A 117 -18.31 -4.75 -9.01
N ARG A 118 -17.63 -5.83 -9.38
CA ARG A 118 -17.88 -7.14 -8.78
C ARG A 118 -16.67 -8.05 -8.91
N ALA A 119 -16.55 -9.00 -7.98
CA ALA A 119 -15.42 -9.92 -8.02
C ALA A 119 -15.79 -11.30 -7.52
N THR A 120 -15.08 -12.30 -8.03
CA THR A 120 -15.24 -13.68 -7.66
C THR A 120 -13.83 -14.28 -7.57
N SER A 121 -13.61 -15.10 -6.55
CA SER A 121 -12.34 -15.79 -6.37
C SER A 121 -12.61 -17.26 -6.07
N LYS A 122 -11.76 -18.15 -6.57
CA LYS A 122 -11.86 -19.59 -6.31
C LYS A 122 -10.63 -20.01 -5.47
N TRP A 123 -10.86 -20.60 -4.28
CA TRP A 123 -9.80 -20.96 -3.36
C TRP A 123 -9.72 -22.48 -3.19
N VAL A 124 -8.50 -23.01 -3.05
CA VAL A 124 -8.27 -24.45 -2.86
C VAL A 124 -7.59 -24.73 -1.50
N MET A 125 -7.69 -25.97 -1.02
CA MET A 125 -7.07 -26.37 0.24
C MET A 125 -5.64 -26.86 -0.07
N MET A 126 -4.65 -26.47 0.76
CA MET A 126 -3.27 -26.88 0.51
C MET A 126 -2.52 -27.14 1.83
N ASN A 127 -1.65 -28.18 1.87
CA ASN A 127 -0.82 -28.45 3.05
C ASN A 127 0.25 -27.36 3.02
N GLN A 128 0.33 -26.59 4.09
CA GLN A 128 1.23 -25.46 4.18
C GLN A 128 2.72 -25.85 4.09
N ASP A 129 3.09 -27.02 4.63
CA ASP A 129 4.48 -27.45 4.62
C ASP A 129 4.95 -28.05 3.29
N THR A 130 4.22 -29.06 2.78
CA THR A 130 4.55 -29.78 1.54
C THR A 130 4.01 -29.15 0.26
N ARG A 131 3.12 -28.13 0.37
CA ARG A 131 2.50 -27.47 -0.77
C ARG A 131 1.61 -28.42 -1.60
N ARG A 132 1.15 -29.54 -1.00
CA ARG A 132 0.33 -30.53 -1.71
C ARG A 132 -1.15 -30.20 -1.65
N LEU A 133 -1.80 -30.05 -2.82
CA LEU A 133 -3.23 -29.75 -2.86
C LEU A 133 -4.05 -30.98 -2.47
N GLN A 134 -5.25 -30.75 -1.96
CA GLN A 134 -6.15 -31.83 -1.58
C GLN A 134 -7.60 -31.40 -1.57
N LYS A 135 -8.50 -32.36 -1.79
CA LYS A 135 -9.94 -32.11 -1.77
C LYS A 135 -10.40 -31.80 -0.33
N VAL A 136 -11.53 -31.09 -0.19
CA VAL A 136 -12.03 -30.72 1.14
C VAL A 136 -12.73 -31.89 1.83
N SER A 137 -12.29 -32.24 3.05
CA SER A 137 -12.92 -33.33 3.80
C SER A 137 -14.29 -32.93 4.36
N ASP A 138 -15.13 -33.91 4.75
CA ASP A 138 -16.46 -33.63 5.30
C ASP A 138 -16.36 -32.87 6.63
N ASP A 139 -15.44 -33.29 7.52
CA ASP A 139 -15.26 -32.67 8.83
C ASP A 139 -14.87 -31.18 8.75
N VAL A 140 -13.91 -30.81 7.84
CA VAL A 140 -13.49 -29.42 7.63
C VAL A 140 -14.65 -28.63 7.03
N ARG A 141 -15.34 -29.22 6.05
CA ARG A 141 -16.47 -28.60 5.37
C ARG A 141 -17.58 -28.18 6.34
N ASP A 142 -18.01 -29.10 7.24
CA ASP A 142 -19.06 -28.85 8.24
C ASP A 142 -18.74 -27.66 9.18
N GLU A 143 -17.46 -27.34 9.33
CA GLU A 143 -17.00 -26.25 10.18
C GLU A 143 -17.28 -24.86 9.60
N TYR A 144 -17.19 -24.70 8.26
CA TYR A 144 -17.44 -23.40 7.65
C TYR A 144 -18.75 -23.31 6.87
N LEU A 145 -19.40 -24.44 6.57
CA LEU A 145 -20.66 -24.46 5.82
C LEU A 145 -21.77 -23.65 6.52
N VAL A 146 -21.74 -23.59 7.85
CA VAL A 146 -22.70 -22.86 8.66
C VAL A 146 -22.66 -21.34 8.42
N PHE A 147 -21.54 -20.83 7.93
CA PHE A 147 -21.35 -19.39 7.65
C PHE A 147 -21.64 -19.00 6.18
N CYS A 148 -22.15 -19.95 5.38
CA CYS A 148 -22.41 -19.80 3.95
C CYS A 148 -23.88 -19.85 3.64
N PRO A 149 -24.35 -19.10 2.62
CA PRO A 149 -25.75 -19.29 2.19
C PRO A 149 -25.87 -20.67 1.52
N GLN A 150 -27.02 -21.34 1.70
CA GLN A 150 -27.24 -22.65 1.11
C GLN A 150 -27.74 -22.52 -0.32
N GLU A 151 -28.68 -21.59 -0.58
CA GLU A 151 -29.13 -21.31 -1.94
C GLU A 151 -28.01 -20.59 -2.66
N PRO A 152 -27.70 -20.95 -3.92
CA PRO A 152 -26.62 -20.27 -4.63
C PRO A 152 -26.82 -18.78 -4.81
N ARG A 153 -25.75 -18.02 -4.53
CA ARG A 153 -25.70 -16.56 -4.63
C ARG A 153 -24.38 -16.25 -5.37
N LEU A 154 -24.45 -15.97 -6.67
CA LEU A 154 -23.23 -15.74 -7.45
C LEU A 154 -23.08 -14.31 -7.91
N ALA A 155 -21.88 -13.73 -7.74
CA ALA A 155 -21.58 -12.38 -8.22
C ALA A 155 -21.58 -12.32 -9.75
N PHE A 156 -21.26 -13.44 -10.41
CA PHE A 156 -21.26 -13.58 -11.86
C PHE A 156 -22.13 -14.78 -12.17
N PRO A 157 -23.45 -14.58 -12.17
CA PRO A 157 -24.34 -15.73 -12.38
C PRO A 157 -24.53 -16.17 -13.85
N GLU A 158 -24.29 -15.27 -14.84
CA GLU A 158 -24.43 -15.54 -16.29
C GLU A 158 -24.12 -16.99 -16.75
N GLU A 159 -24.82 -17.45 -17.80
CA GLU A 159 -24.62 -18.81 -18.34
C GLU A 159 -23.29 -18.92 -19.10
N ASN A 160 -22.90 -17.84 -19.79
CA ASN A 160 -21.62 -17.80 -20.49
C ASN A 160 -20.85 -16.58 -19.99
N ASN A 161 -20.11 -16.74 -18.87
CA ASN A 161 -19.40 -15.62 -18.27
C ASN A 161 -17.86 -15.75 -18.33
N ARG A 162 -17.17 -14.60 -18.24
CA ARG A 162 -15.72 -14.46 -18.30
C ARG A 162 -14.98 -15.09 -17.12
N SER A 163 -15.62 -15.18 -15.95
CA SER A 163 -15.04 -15.68 -14.71
C SER A 163 -14.66 -17.17 -14.70
N LEU A 164 -15.21 -17.97 -15.62
CA LEU A 164 -14.96 -19.41 -15.69
C LEU A 164 -14.22 -19.86 -16.96
N LYS A 165 -13.79 -18.93 -17.82
CA LYS A 165 -13.12 -19.27 -19.06
C LYS A 165 -11.67 -19.70 -18.88
N LYS A 166 -11.23 -20.72 -19.63
CA LYS A 166 -9.88 -21.26 -19.59
C LYS A 166 -8.89 -20.25 -20.21
N ILE A 167 -7.74 -20.01 -19.55
CA ILE A 167 -6.70 -19.08 -20.00
C ILE A 167 -5.53 -19.86 -20.62
N PRO A 168 -5.10 -19.48 -21.84
CA PRO A 168 -3.97 -20.16 -22.46
C PRO A 168 -2.59 -19.62 -22.06
N LYS A 169 -1.52 -20.38 -22.33
CA LYS A 169 -0.17 -19.95 -21.99
C LYS A 169 0.39 -19.00 -23.07
N LEU A 170 1.06 -17.91 -22.66
CA LEU A 170 1.65 -16.92 -23.58
C LEU A 170 2.83 -17.55 -24.32
N GLU A 171 2.79 -17.53 -25.64
CA GLU A 171 3.86 -18.08 -26.45
C GLU A 171 4.97 -17.06 -26.66
N ASP A 172 6.23 -17.49 -26.51
CA ASP A 172 7.38 -16.61 -26.74
C ASP A 172 7.57 -16.41 -28.25
N PRO A 173 7.93 -15.19 -28.70
CA PRO A 173 8.23 -14.00 -27.90
C PRO A 173 7.02 -13.13 -27.55
N ALA A 174 7.03 -12.46 -26.37
CA ALA A 174 5.95 -11.58 -25.97
C ALA A 174 6.02 -10.24 -26.72
N GLN A 175 4.88 -9.52 -26.82
CA GLN A 175 4.88 -8.23 -27.51
C GLN A 175 5.57 -7.15 -26.68
N TYR A 176 5.30 -7.18 -25.36
CA TYR A 176 5.79 -6.28 -24.32
C TYR A 176 6.25 -7.12 -23.10
N SER A 177 7.20 -6.59 -22.31
CA SER A 177 7.69 -7.30 -21.13
C SER A 177 8.26 -6.35 -20.07
N MET A 178 8.25 -6.78 -18.79
CA MET A 178 8.86 -6.03 -17.70
C MET A 178 9.66 -6.99 -16.85
N ILE A 179 10.95 -7.02 -17.13
CA ILE A 179 11.96 -7.93 -16.65
C ILE A 179 12.66 -7.49 -15.34
N GLY A 180 12.98 -8.46 -14.47
CA GLY A 180 13.73 -8.24 -13.23
C GLY A 180 13.00 -7.67 -12.03
N LEU A 181 11.72 -8.05 -11.85
CA LEU A 181 10.86 -7.60 -10.75
C LEU A 181 11.08 -8.39 -9.44
N LYS A 182 11.53 -7.71 -8.40
CA LYS A 182 11.75 -8.34 -7.10
C LYS A 182 10.81 -7.74 -6.09
N PRO A 183 10.18 -8.59 -5.27
CA PRO A 183 9.32 -8.06 -4.21
C PRO A 183 10.16 -7.49 -3.04
N ARG A 184 9.66 -6.45 -2.39
CA ARG A 184 10.32 -5.89 -1.21
C ARG A 184 9.49 -6.30 0.03
N ARG A 185 9.85 -5.85 1.24
CA ARG A 185 9.13 -6.24 2.45
C ARG A 185 7.69 -5.76 2.45
N ALA A 186 7.40 -4.55 1.94
CA ALA A 186 6.02 -4.05 1.83
C ALA A 186 5.14 -4.97 0.95
N ASP A 187 5.76 -5.86 0.14
CA ASP A 187 5.01 -6.83 -0.67
C ASP A 187 4.64 -8.12 0.07
N LEU A 188 5.15 -8.32 1.29
CA LEU A 188 4.86 -9.52 2.07
C LEU A 188 3.67 -9.30 2.99
N ASP A 189 2.98 -10.39 3.36
CA ASP A 189 1.89 -10.33 4.31
C ASP A 189 2.46 -10.60 5.75
N MET A 190 1.59 -10.79 6.76
CA MET A 190 2.04 -11.06 8.13
C MET A 190 2.67 -12.46 8.31
N ASN A 191 2.49 -13.36 7.33
CA ASN A 191 3.12 -14.69 7.39
C ASN A 191 4.43 -14.77 6.57
N GLN A 192 4.92 -13.62 6.06
CA GLN A 192 6.13 -13.40 5.26
C GLN A 192 6.04 -13.95 3.80
N HIS A 193 4.85 -14.33 3.36
CA HIS A 193 4.60 -14.80 1.98
C HIS A 193 4.26 -13.59 1.08
N VAL A 194 4.49 -13.69 -0.27
CA VAL A 194 4.15 -12.56 -1.15
C VAL A 194 2.60 -12.39 -1.19
N ASN A 195 2.13 -11.12 -1.10
CA ASN A 195 0.72 -10.73 -1.08
C ASN A 195 0.08 -10.98 -2.46
N ASN A 196 -1.14 -11.54 -2.49
CA ASN A 196 -1.82 -11.83 -3.78
C ASN A 196 -1.97 -10.63 -4.70
N VAL A 197 -2.11 -9.43 -4.10
CA VAL A 197 -2.26 -8.18 -4.83
C VAL A 197 -0.98 -7.80 -5.60
N THR A 198 0.21 -8.12 -5.08
CA THR A 198 1.48 -7.81 -5.77
C THR A 198 1.54 -8.41 -7.16
N TYR A 199 1.05 -9.66 -7.32
CA TYR A 199 1.07 -10.31 -8.64
C TYR A 199 0.23 -9.52 -9.67
N ILE A 200 -0.87 -8.88 -9.23
CA ILE A 200 -1.72 -8.03 -10.07
C ILE A 200 -0.87 -6.86 -10.58
N GLY A 201 -0.15 -6.23 -9.67
CA GLY A 201 0.74 -5.13 -10.02
C GLY A 201 1.83 -5.54 -10.99
N TRP A 202 2.33 -6.76 -10.82
CA TRP A 202 3.39 -7.27 -11.71
C TRP A 202 2.88 -7.57 -13.09
N VAL A 203 1.66 -8.11 -13.23
CA VAL A 203 1.06 -8.39 -14.53
C VAL A 203 0.91 -7.06 -15.31
N LEU A 204 0.36 -6.05 -14.63
CA LEU A 204 0.08 -4.73 -15.13
C LEU A 204 1.30 -3.90 -15.48
N GLU A 205 2.49 -4.24 -14.93
CA GLU A 205 3.74 -3.53 -15.19
C GLU A 205 4.25 -3.69 -16.62
N SER A 206 3.80 -4.73 -17.32
CA SER A 206 4.24 -4.96 -18.69
C SER A 206 3.34 -4.26 -19.72
N ILE A 207 2.14 -3.78 -19.32
CA ILE A 207 1.19 -3.03 -20.16
C ILE A 207 1.82 -1.68 -20.54
N PRO A 208 1.81 -1.27 -21.84
CA PRO A 208 2.43 0.01 -22.17
C PRO A 208 1.72 1.18 -21.49
N GLN A 209 2.51 2.21 -21.12
CA GLN A 209 1.97 3.40 -20.47
C GLN A 209 0.87 4.07 -21.29
N GLU A 210 0.97 3.98 -22.63
CA GLU A 210 -0.02 4.53 -23.57
C GLU A 210 -1.40 3.87 -23.44
N ILE A 211 -1.45 2.60 -23.01
CA ILE A 211 -2.74 1.94 -22.75
C ILE A 211 -3.29 2.47 -21.43
N VAL A 212 -2.43 2.54 -20.40
CA VAL A 212 -2.81 3.01 -19.07
C VAL A 212 -3.36 4.47 -19.11
N ASP A 213 -2.78 5.31 -19.97
CA ASP A 213 -3.15 6.73 -20.18
C ASP A 213 -4.44 6.99 -21.01
N THR A 214 -4.72 6.15 -22.02
CA THR A 214 -5.88 6.34 -22.90
C THR A 214 -7.08 5.41 -22.60
N HIS A 215 -6.82 4.32 -21.88
CA HIS A 215 -7.79 3.29 -21.53
C HIS A 215 -7.90 3.13 -20.02
N GLU A 216 -9.01 2.55 -19.54
CA GLU A 216 -9.21 2.18 -18.14
C GLU A 216 -9.38 0.67 -18.05
N LEU A 217 -8.83 0.02 -16.99
CA LEU A 217 -9.00 -1.43 -16.83
C LEU A 217 -10.46 -1.82 -16.53
N GLN A 218 -11.05 -2.70 -17.33
CA GLN A 218 -12.41 -3.17 -17.10
C GLN A 218 -12.47 -4.57 -16.43
N VAL A 219 -11.89 -5.59 -17.06
CA VAL A 219 -11.90 -6.93 -16.51
C VAL A 219 -10.46 -7.41 -16.31
N ILE A 220 -10.23 -8.18 -15.24
CA ILE A 220 -8.95 -8.83 -14.97
C ILE A 220 -9.22 -10.21 -14.37
N THR A 221 -8.62 -11.25 -14.95
CA THR A 221 -8.75 -12.64 -14.49
C THR A 221 -7.33 -13.13 -14.26
N LEU A 222 -7.03 -13.59 -13.06
CA LEU A 222 -5.68 -14.05 -12.74
C LEU A 222 -5.71 -15.45 -12.16
N ASP A 223 -5.05 -16.37 -12.83
CA ASP A 223 -4.90 -17.75 -12.39
C ASP A 223 -3.55 -17.80 -11.61
N TYR A 224 -3.56 -18.37 -10.41
CA TYR A 224 -2.39 -18.51 -9.52
C TYR A 224 -1.95 -20.00 -9.54
N ARG A 225 -0.69 -20.25 -9.90
CA ARG A 225 -0.20 -21.63 -10.07
C ARG A 225 0.86 -22.03 -9.06
N ARG A 226 1.73 -21.09 -8.72
CA ARG A 226 2.84 -21.27 -7.81
C ARG A 226 3.11 -19.91 -7.15
N GLU A 227 3.69 -19.92 -5.94
CA GLU A 227 4.01 -18.66 -5.27
C GLU A 227 5.44 -18.19 -5.57
N CYS A 228 5.68 -16.87 -5.51
CA CYS A 228 7.02 -16.32 -5.71
C CYS A 228 7.62 -16.11 -4.31
N GLN A 229 8.82 -16.63 -4.07
CA GLN A 229 9.46 -16.49 -2.77
C GLN A 229 10.18 -15.15 -2.63
N GLN A 230 10.52 -14.75 -1.40
CA GLN A 230 11.20 -13.48 -1.11
C GLN A 230 12.41 -13.19 -2.03
N ASP A 231 13.32 -14.15 -2.17
CA ASP A 231 14.53 -14.00 -2.98
C ASP A 231 14.37 -14.25 -4.48
N ASP A 232 13.16 -14.62 -4.93
CA ASP A 232 12.91 -14.86 -6.35
C ASP A 232 12.75 -13.53 -7.13
N VAL A 233 13.09 -13.55 -8.43
CA VAL A 233 13.04 -12.44 -9.41
C VAL A 233 11.97 -12.84 -10.46
N VAL A 234 11.13 -11.90 -10.91
CA VAL A 234 10.04 -12.23 -11.83
C VAL A 234 10.09 -11.44 -13.17
N ASP A 235 9.67 -12.12 -14.25
CA ASP A 235 9.49 -11.57 -15.58
C ASP A 235 7.95 -11.53 -15.88
N SER A 236 7.43 -10.35 -16.29
CA SER A 236 6.02 -10.09 -16.61
C SER A 236 5.86 -9.95 -18.14
N LEU A 237 5.08 -10.83 -18.80
CA LEU A 237 4.94 -10.79 -20.25
C LEU A 237 3.52 -10.43 -20.71
N THR A 238 3.40 -9.72 -21.85
CA THR A 238 2.12 -9.26 -22.38
C THR A 238 2.11 -9.25 -23.91
N THR A 239 1.02 -9.73 -24.51
CA THR A 239 0.79 -9.71 -25.97
C THR A 239 -0.69 -9.34 -26.20
N THR A 240 -0.96 -8.41 -27.13
CA THR A 240 -2.33 -7.95 -27.44
C THR A 240 -3.06 -9.05 -28.21
N THR A 241 -4.25 -9.45 -27.76
CA THR A 241 -5.03 -10.46 -28.48
C THR A 241 -6.25 -9.89 -29.22
N SER A 242 -6.24 -8.59 -29.54
CA SER A 242 -7.35 -7.97 -30.25
C SER A 242 -6.91 -6.99 -31.37
N ASN A 259 -12.40 -0.88 -30.68
CA ASN A 259 -12.96 -0.13 -29.55
C ASN A 259 -12.35 -0.58 -28.21
N ASP A 260 -12.13 -1.89 -28.04
CA ASP A 260 -11.57 -2.40 -26.78
C ASP A 260 -10.25 -3.11 -26.99
N SER A 261 -9.37 -3.05 -26.00
CA SER A 261 -8.08 -3.74 -26.06
C SER A 261 -8.09 -4.92 -25.08
N GLN A 262 -7.63 -6.08 -25.55
CA GLN A 262 -7.55 -7.29 -24.74
C GLN A 262 -6.09 -7.79 -24.75
N PHE A 263 -5.61 -8.30 -23.61
CA PHE A 263 -4.23 -8.77 -23.52
C PHE A 263 -4.11 -10.19 -22.94
N LEU A 264 -2.93 -10.82 -23.10
CA LEU A 264 -2.63 -12.13 -22.55
C LEU A 264 -1.39 -11.95 -21.68
N HIS A 265 -1.44 -12.44 -20.46
CA HIS A 265 -0.34 -12.24 -19.50
C HIS A 265 0.31 -13.51 -19.00
N LEU A 266 1.60 -13.44 -18.67
CA LEU A 266 2.33 -14.57 -18.10
C LEU A 266 3.40 -14.08 -17.13
N LEU A 267 3.34 -14.53 -15.88
CA LEU A 267 4.38 -14.23 -14.88
C LEU A 267 5.20 -15.48 -14.73
N ARG A 268 6.52 -15.36 -14.87
CA ARG A 268 7.44 -16.49 -14.74
C ARG A 268 8.72 -16.06 -14.06
N LEU A 269 9.41 -16.99 -13.39
CA LEU A 269 10.65 -16.65 -12.67
C LEU A 269 11.81 -16.46 -13.63
N SER A 270 12.47 -15.28 -13.57
CA SER A 270 13.58 -14.87 -14.47
C SER A 270 14.60 -15.93 -14.78
N GLY A 271 14.87 -16.77 -13.80
CA GLY A 271 15.83 -17.84 -13.94
C GLY A 271 15.40 -18.94 -14.88
N ASP A 272 14.80 -19.98 -14.30
CA ASP A 272 14.39 -21.19 -15.00
C ASP A 272 13.19 -21.02 -15.95
N GLY A 273 12.46 -19.91 -15.83
CA GLY A 273 11.28 -19.68 -16.66
C GLY A 273 10.04 -20.38 -16.12
N GLN A 274 10.06 -20.80 -14.84
CA GLN A 274 8.97 -21.45 -14.13
C GLN A 274 7.71 -20.56 -14.05
N GLU A 275 6.56 -21.05 -14.53
CA GLU A 275 5.30 -20.31 -14.48
C GLU A 275 4.78 -20.13 -13.05
N ILE A 276 4.35 -18.90 -12.73
CA ILE A 276 3.76 -18.60 -11.45
C ILE A 276 2.32 -18.07 -11.63
N ASN A 277 2.07 -17.30 -12.72
CA ASN A 277 0.74 -16.77 -12.99
C ASN A 277 0.48 -16.69 -14.49
N ARG A 278 -0.80 -16.71 -14.86
CA ARG A 278 -1.29 -16.47 -16.21
C ARG A 278 -2.65 -15.73 -16.13
N GLY A 279 -2.95 -14.91 -17.14
CA GLY A 279 -4.21 -14.15 -17.12
C GLY A 279 -4.51 -13.37 -18.36
N THR A 280 -5.60 -12.60 -18.33
CA THR A 280 -6.08 -11.72 -19.40
C THR A 280 -6.62 -10.43 -18.78
N THR A 281 -6.52 -9.33 -19.52
CA THR A 281 -7.09 -8.04 -19.11
C THR A 281 -7.93 -7.47 -20.24
N LEU A 282 -8.99 -6.74 -19.91
CA LEU A 282 -9.87 -6.11 -20.89
C LEU A 282 -9.90 -4.62 -20.56
N TRP A 283 -9.64 -3.77 -21.55
CA TRP A 283 -9.60 -2.33 -21.34
C TRP A 283 -10.53 -1.63 -22.33
N ARG A 284 -11.26 -0.60 -21.88
CA ARG A 284 -12.08 0.20 -22.80
C ARG A 284 -11.55 1.63 -22.89
N LYS A 285 -11.71 2.28 -24.07
CA LYS A 285 -11.22 3.64 -24.29
C LYS A 285 -11.93 4.65 -23.38
N LYS A 286 -11.14 5.50 -22.68
CA LYS A 286 -11.66 6.52 -21.77
C LYS A 286 -12.57 7.52 -22.50
N GLY B 2 -12.73 12.45 10.34
CA GLY B 2 -11.63 13.40 10.34
C GLY B 2 -12.14 14.83 10.42
N SER B 3 -11.55 15.64 11.32
CA SER B 3 -11.98 17.03 11.44
C SER B 3 -10.90 17.92 12.03
N LEU B 4 -10.97 19.23 11.70
CA LEU B 4 -10.13 20.26 12.30
C LEU B 4 -10.54 20.37 13.79
N THR B 5 -9.60 20.75 14.65
CA THR B 5 -9.87 20.92 16.08
C THR B 5 -10.79 22.16 16.33
N GLU B 6 -11.16 22.41 17.59
CA GLU B 6 -12.02 23.53 17.95
C GLU B 6 -11.46 24.87 17.45
N ASP B 7 -10.15 25.08 17.60
CA ASP B 7 -9.54 26.34 17.16
C ASP B 7 -9.25 26.43 15.66
N GLY B 8 -9.34 25.31 14.93
CA GLY B 8 -9.08 25.28 13.51
C GLY B 8 -7.62 25.37 13.12
N LEU B 9 -6.70 25.21 14.08
CA LEU B 9 -5.26 25.31 13.80
C LEU B 9 -4.52 23.96 13.76
N SER B 10 -5.26 22.84 13.79
CA SER B 10 -4.75 21.46 13.71
C SER B 10 -5.89 20.50 13.26
N TYR B 11 -5.54 19.29 12.80
CA TYR B 11 -6.52 18.34 12.26
C TYR B 11 -6.34 16.95 12.87
N LYS B 12 -7.45 16.25 13.15
CA LYS B 12 -7.37 14.90 13.73
C LYS B 12 -8.10 13.87 12.89
N GLU B 13 -7.59 12.62 12.85
CA GLU B 13 -8.24 11.52 12.13
C GLU B 13 -7.95 10.12 12.74
N LYS B 14 -8.98 9.25 12.77
CA LYS B 14 -8.83 7.90 13.29
C LYS B 14 -8.68 6.90 12.15
N PHE B 15 -7.79 5.91 12.32
CA PHE B 15 -7.51 4.88 11.31
C PHE B 15 -7.55 3.48 11.95
N VAL B 16 -8.33 2.56 11.38
CA VAL B 16 -8.38 1.18 11.87
C VAL B 16 -7.28 0.44 11.10
N VAL B 17 -6.30 -0.17 11.80
CA VAL B 17 -5.17 -0.86 11.15
C VAL B 17 -5.63 -2.09 10.33
N ARG B 18 -5.38 -2.07 9.01
CA ARG B 18 -5.76 -3.13 8.08
C ARG B 18 -4.81 -4.32 8.07
N SER B 19 -5.34 -5.51 7.73
CA SER B 19 -4.60 -6.79 7.67
C SER B 19 -3.37 -6.70 6.79
N TYR B 20 -3.48 -6.07 5.60
CA TYR B 20 -2.32 -5.94 4.70
C TYR B 20 -1.31 -4.87 5.11
N GLU B 21 -1.63 -4.08 6.14
CA GLU B 21 -0.76 -3.00 6.59
C GLU B 21 0.28 -3.45 7.65
N VAL B 22 0.07 -4.63 8.27
CA VAL B 22 0.95 -5.10 9.36
C VAL B 22 2.12 -5.98 8.90
N GLY B 23 3.16 -6.08 9.75
CA GLY B 23 4.33 -6.91 9.52
C GLY B 23 4.21 -8.30 10.12
N SER B 24 5.33 -9.04 10.21
CA SER B 24 5.39 -10.40 10.76
C SER B 24 4.95 -10.53 12.23
N ASN B 25 4.90 -9.41 12.97
CA ASN B 25 4.50 -9.40 14.36
C ASN B 25 3.07 -8.83 14.60
N LYS B 26 2.26 -8.70 13.52
CA LYS B 26 0.87 -8.27 13.50
C LYS B 26 0.65 -6.82 13.97
N THR B 27 1.63 -5.93 13.72
CA THR B 27 1.53 -4.48 14.01
C THR B 27 1.93 -3.67 12.77
N ALA B 28 1.29 -2.48 12.57
CA ALA B 28 1.55 -1.62 11.40
C ALA B 28 3.05 -1.42 11.11
N THR B 29 3.45 -1.55 9.85
CA THR B 29 4.83 -1.33 9.42
C THR B 29 5.11 0.18 9.46
N VAL B 30 6.41 0.59 9.47
CA VAL B 30 6.75 2.01 9.44
C VAL B 30 6.28 2.67 8.12
N GLU B 31 6.17 1.89 7.03
CA GLU B 31 5.67 2.42 5.77
C GLU B 31 4.18 2.66 5.84
N THR B 32 3.41 1.85 6.62
CA THR B 32 1.97 2.13 6.78
C THR B 32 1.77 3.42 7.60
N ILE B 33 2.61 3.61 8.63
CA ILE B 33 2.62 4.82 9.44
C ILE B 33 2.93 6.04 8.57
N ALA B 34 4.08 6.08 7.86
CA ALA B 34 4.41 7.20 6.97
C ALA B 34 3.31 7.54 5.94
N ASN B 35 2.55 6.52 5.48
CA ASN B 35 1.40 6.68 4.57
C ASN B 35 0.22 7.36 5.28
N LEU B 36 -0.07 6.95 6.53
CA LEU B 36 -1.14 7.52 7.35
C LEU B 36 -0.86 9.01 7.67
N LEU B 37 0.42 9.37 7.90
CA LEU B 37 0.85 10.75 8.14
C LEU B 37 0.58 11.58 6.87
N GLN B 38 0.89 11.01 5.70
CA GLN B 38 0.70 11.59 4.37
C GLN B 38 -0.80 11.86 4.15
N GLU B 39 -1.65 10.86 4.44
CA GLU B 39 -3.10 10.92 4.32
C GLU B 39 -3.74 11.99 5.23
N VAL B 40 -3.34 12.06 6.51
CA VAL B 40 -3.94 13.06 7.41
C VAL B 40 -3.41 14.47 7.01
N GLY B 41 -2.18 14.56 6.50
CA GLY B 41 -1.62 15.80 5.97
C GLY B 41 -2.42 16.34 4.79
N CYS B 42 -2.78 15.46 3.84
CA CYS B 42 -3.58 15.85 2.67
C CYS B 42 -4.97 16.27 3.13
N ASN B 43 -5.58 15.54 4.09
CA ASN B 43 -6.90 15.87 4.58
C ASN B 43 -6.93 17.22 5.35
N HIS B 44 -5.86 17.56 6.08
CA HIS B 44 -5.79 18.86 6.76
C HIS B 44 -5.74 19.99 5.71
N ALA B 45 -5.01 19.79 4.60
CA ALA B 45 -4.91 20.79 3.53
C ALA B 45 -6.23 20.96 2.79
N GLN B 46 -6.95 19.87 2.57
CA GLN B 46 -8.21 19.83 1.84
C GLN B 46 -9.29 20.55 2.63
N SER B 47 -9.34 20.30 3.94
CA SER B 47 -10.35 20.89 4.81
C SER B 47 -10.16 22.40 5.03
N VAL B 48 -9.02 22.97 4.62
CA VAL B 48 -8.79 24.40 4.79
C VAL B 48 -8.76 25.18 3.45
N GLY B 49 -9.14 24.53 2.34
CA GLY B 49 -9.21 25.19 1.05
C GLY B 49 -8.31 24.78 -0.08
N PHE B 50 -7.18 24.10 0.20
CA PHE B 50 -6.24 23.71 -0.86
C PHE B 50 -6.74 22.51 -1.68
N SER B 51 -7.37 22.75 -2.85
CA SER B 51 -7.89 21.66 -3.68
C SER B 51 -6.79 20.86 -4.40
N GLY B 54 -2.09 19.36 -6.52
CA GLY B 54 -0.92 19.73 -5.72
C GLY B 54 -1.18 19.80 -4.24
N PHE B 55 -0.28 19.20 -3.42
CA PHE B 55 -0.43 19.23 -1.97
C PHE B 55 -0.12 20.61 -1.40
N ALA B 56 -1.11 21.23 -0.75
CA ALA B 56 -1.02 22.52 -0.07
C ALA B 56 -0.58 23.66 -0.98
N THR B 57 -0.78 23.53 -2.31
CA THR B 57 -0.43 24.59 -3.26
C THR B 57 -1.41 25.72 -3.11
N THR B 58 -0.92 26.90 -2.73
CA THR B 58 -1.78 28.06 -2.58
C THR B 58 -2.16 28.65 -3.96
N THR B 59 -3.02 29.68 -3.99
CA THR B 59 -3.45 30.30 -5.24
C THR B 59 -2.28 30.96 -5.99
N THR B 60 -1.32 31.50 -5.23
CA THR B 60 -0.14 32.13 -5.83
C THR B 60 0.77 31.06 -6.44
N MET B 61 0.97 29.95 -5.74
CA MET B 61 1.83 28.85 -6.18
C MET B 61 1.36 28.11 -7.43
N ARG B 62 0.05 27.95 -7.60
CA ARG B 62 -0.49 27.23 -8.74
C ARG B 62 -0.17 28.01 -10.04
N LYS B 63 -0.34 29.35 -9.99
CA LYS B 63 -0.04 30.21 -11.13
C LYS B 63 1.48 30.29 -11.33
N LEU B 64 2.25 30.36 -10.24
CA LEU B 64 3.71 30.44 -10.30
C LEU B 64 4.43 29.13 -10.63
N HIS B 65 3.67 28.02 -10.76
CA HIS B 65 4.24 26.72 -11.05
C HIS B 65 5.18 26.27 -9.91
N LEU B 66 4.83 26.60 -8.66
CA LEU B 66 5.63 26.20 -7.49
C LEU B 66 4.95 25.06 -6.76
N ILE B 67 5.74 24.18 -6.13
CA ILE B 67 5.25 23.05 -5.34
C ILE B 67 6.00 22.89 -4.03
N TRP B 68 5.33 22.37 -3.01
CA TRP B 68 5.92 22.00 -1.72
C TRP B 68 6.57 20.62 -1.91
N VAL B 69 7.84 20.48 -1.50
CA VAL B 69 8.64 19.27 -1.65
C VAL B 69 9.29 18.89 -0.31
N THR B 70 9.27 17.60 0.09
CA THR B 70 9.89 17.15 1.36
C THR B 70 11.41 17.25 1.30
N ALA B 71 12.02 17.93 2.29
CA ALA B 71 13.47 18.00 2.40
C ALA B 71 13.91 16.97 3.46
N ARG B 72 13.13 16.79 4.54
CA ARG B 72 13.48 15.84 5.58
C ARG B 72 12.25 15.31 6.30
N MET B 73 12.29 14.04 6.71
CA MET B 73 11.22 13.39 7.48
C MET B 73 11.85 12.69 8.70
N HIS B 74 11.30 12.90 9.89
CA HIS B 74 11.81 12.27 11.10
C HIS B 74 10.64 11.63 11.84
N ILE B 75 10.68 10.30 11.98
CA ILE B 75 9.61 9.57 12.67
C ILE B 75 10.21 8.79 13.84
N GLU B 76 9.56 8.86 15.01
N GLU B 76 9.57 8.87 15.01
N GLU B 76 9.56 8.86 15.01
CA GLU B 76 9.99 8.13 16.20
CA GLU B 76 9.96 8.15 16.22
CA GLU B 76 9.99 8.13 16.20
C GLU B 76 8.77 7.41 16.77
C GLU B 76 8.75 7.41 16.74
C GLU B 76 8.77 7.41 16.77
N ILE B 77 8.78 6.07 16.73
CA ILE B 77 7.65 5.25 17.25
C ILE B 77 7.97 4.53 18.60
N TYR B 78 7.02 4.56 19.56
CA TYR B 78 7.14 3.92 20.89
C TYR B 78 6.41 2.57 20.91
N LYS B 79 5.26 2.50 20.20
CA LYS B 79 4.41 1.31 20.06
C LYS B 79 3.75 1.31 18.67
N TYR B 80 3.97 0.26 17.87
CA TYR B 80 3.33 0.16 16.57
C TYR B 80 1.92 -0.38 16.83
N PRO B 81 0.86 0.31 16.34
CA PRO B 81 -0.50 -0.17 16.63
C PRO B 81 -0.80 -1.55 16.06
N ALA B 82 -1.52 -2.38 16.81
CA ALA B 82 -1.85 -3.73 16.35
C ALA B 82 -2.93 -3.74 15.25
N TRP B 83 -2.97 -4.82 14.46
CA TRP B 83 -3.97 -5.05 13.43
C TRP B 83 -5.38 -5.05 14.08
N GLY B 84 -6.25 -4.17 13.63
CA GLY B 84 -7.60 -4.05 14.20
C GLY B 84 -7.73 -2.92 15.20
N ASP B 85 -6.61 -2.41 15.73
CA ASP B 85 -6.58 -1.30 16.66
C ASP B 85 -6.89 0.02 15.94
N VAL B 86 -7.27 1.05 16.71
CA VAL B 86 -7.54 2.37 16.14
C VAL B 86 -6.43 3.31 16.56
N VAL B 87 -5.85 4.04 15.60
CA VAL B 87 -4.81 5.02 15.90
C VAL B 87 -5.33 6.42 15.60
N GLU B 88 -5.19 7.36 16.55
CA GLU B 88 -5.61 8.75 16.30
C GLU B 88 -4.38 9.65 16.04
N ILE B 89 -4.31 10.29 14.86
CA ILE B 89 -3.20 11.18 14.52
C ILE B 89 -3.61 12.66 14.49
N GLU B 90 -2.79 13.53 15.13
CA GLU B 90 -3.04 14.97 15.08
C GLU B 90 -1.92 15.68 14.28
N THR B 91 -2.30 16.49 13.28
CA THR B 91 -1.29 17.17 12.46
C THR B 91 -1.53 18.67 12.42
N TRP B 92 -0.45 19.40 12.26
CA TRP B 92 -0.44 20.85 12.14
C TRP B 92 0.79 21.33 11.37
N CYS B 93 0.66 22.50 10.77
CA CYS B 93 1.70 23.15 10.01
C CYS B 93 2.25 24.38 10.74
N GLN B 94 3.48 24.77 10.43
CA GLN B 94 4.07 25.98 11.00
C GLN B 94 5.08 26.62 10.07
N SER B 95 5.07 27.96 9.97
CA SER B 95 6.02 28.66 9.12
C SER B 95 7.42 28.65 9.75
N GLU B 96 8.46 28.52 8.94
CA GLU B 96 9.84 28.58 9.40
C GLU B 96 10.58 29.69 8.64
N GLY B 97 9.92 30.83 8.48
CA GLY B 97 10.46 31.96 7.75
C GLY B 97 10.65 31.66 6.28
N ARG B 98 11.74 32.13 5.72
CA ARG B 98 12.04 31.94 4.30
C ARG B 98 12.52 30.53 3.95
N ILE B 99 12.89 29.72 4.95
CA ILE B 99 13.37 28.35 4.70
C ILE B 99 12.25 27.53 4.07
N GLY B 100 11.08 27.59 4.68
CA GLY B 100 9.89 26.87 4.25
C GLY B 100 8.97 26.56 5.41
N THR B 101 8.17 25.50 5.30
CA THR B 101 7.24 25.08 6.33
C THR B 101 7.75 23.82 7.06
N ARG B 102 7.22 23.58 8.25
CA ARG B 102 7.47 22.40 9.06
C ARG B 102 6.09 21.80 9.35
N ARG B 103 5.87 20.52 9.00
CA ARG B 103 4.61 19.86 9.32
C ARG B 103 4.89 18.83 10.38
N ASP B 104 4.13 18.87 11.52
CA ASP B 104 4.32 17.94 12.65
C ASP B 104 3.12 16.99 12.89
N TRP B 105 3.37 15.90 13.63
CA TRP B 105 2.36 14.89 13.93
C TRP B 105 2.56 14.31 15.31
N ILE B 106 1.45 13.88 15.93
CA ILE B 106 1.43 13.17 17.21
C ILE B 106 0.57 11.93 16.96
N LEU B 107 1.11 10.74 17.22
N LEU B 107 1.10 10.75 17.23
N LEU B 107 1.11 10.74 17.22
CA LEU B 107 0.35 9.51 17.06
CA LEU B 107 0.34 9.52 17.07
CA LEU B 107 0.35 9.51 17.06
C LEU B 107 -0.12 9.06 18.43
C LEU B 107 -0.12 9.07 18.43
C LEU B 107 -0.12 9.06 18.43
N LYS B 108 -1.41 8.78 18.57
CA LYS B 108 -1.98 8.38 19.85
C LYS B 108 -2.81 7.10 19.79
N ASP B 109 -2.86 6.36 20.90
CA ASP B 109 -3.68 5.15 21.04
C ASP B 109 -5.10 5.66 21.29
N SER B 110 -6.09 5.23 20.50
CA SER B 110 -7.48 5.69 20.64
C SER B 110 -8.23 5.16 21.88
N VAL B 111 -7.70 4.11 22.55
CA VAL B 111 -8.37 3.59 23.75
C VAL B 111 -7.78 4.18 25.04
N THR B 112 -6.44 4.26 25.11
CA THR B 112 -5.75 4.76 26.31
C THR B 112 -5.41 6.27 26.28
N GLY B 113 -5.39 6.85 25.07
CA GLY B 113 -5.00 8.24 24.89
C GLY B 113 -3.50 8.49 24.97
N GLU B 114 -2.70 7.44 25.21
CA GLU B 114 -1.25 7.58 25.32
C GLU B 114 -0.60 7.83 23.96
N VAL B 115 0.47 8.65 23.94
CA VAL B 115 1.22 8.91 22.70
C VAL B 115 2.05 7.67 22.36
N THR B 116 1.83 7.09 21.19
CA THR B 116 2.59 5.92 20.71
C THR B 116 3.68 6.28 19.66
N GLY B 117 3.78 7.54 19.30
CA GLY B 117 4.77 7.99 18.34
C GLY B 117 4.65 9.45 17.99
N ARG B 118 5.66 9.98 17.30
N ARG B 118 5.64 9.98 17.29
N ARG B 118 5.64 9.97 17.28
CA ARG B 118 5.66 11.38 16.88
CA ARG B 118 5.66 11.38 16.88
CA ARG B 118 5.66 11.36 16.86
C ARG B 118 6.51 11.60 15.64
C ARG B 118 6.51 11.60 15.64
C ARG B 118 6.50 11.57 15.62
N ALA B 119 6.15 12.59 14.83
CA ALA B 119 6.89 12.87 13.60
C ALA B 119 6.97 14.35 13.29
N THR B 120 8.04 14.72 12.60
CA THR B 120 8.29 16.07 12.17
C THR B 120 8.88 15.99 10.74
N SER B 121 8.43 16.89 9.87
CA SER B 121 8.94 16.96 8.51
C SER B 121 9.25 18.40 8.17
N LYS B 122 10.32 18.63 7.39
CA LYS B 122 10.72 19.95 6.94
C LYS B 122 10.53 20.00 5.40
N TRP B 123 9.71 20.97 4.91
CA TRP B 123 9.38 21.08 3.50
C TRP B 123 9.93 22.38 2.90
N VAL B 124 10.34 22.34 1.63
CA VAL B 124 10.83 23.52 0.92
C VAL B 124 9.98 23.76 -0.35
N MET B 125 10.05 24.96 -0.93
CA MET B 125 9.33 25.24 -2.17
C MET B 125 10.24 25.25 -3.39
N MET B 126 9.84 24.54 -4.44
CA MET B 126 10.60 24.52 -5.67
C MET B 126 9.72 24.75 -6.91
N ASN B 127 10.35 25.06 -8.05
CA ASN B 127 9.61 25.26 -9.28
C ASN B 127 9.33 23.87 -9.87
N GLN B 128 8.08 23.52 -10.18
CA GLN B 128 7.76 22.18 -10.71
C GLN B 128 8.42 21.88 -12.06
N ASP B 129 8.79 22.91 -12.86
CA ASP B 129 9.42 22.75 -14.17
C ASP B 129 10.93 22.52 -14.05
N THR B 130 11.55 23.16 -13.06
CA THR B 130 12.94 22.98 -12.70
C THR B 130 13.06 22.83 -11.18
N ARG B 131 14.06 22.12 -10.71
CA ARG B 131 14.26 21.89 -9.29
C ARG B 131 14.73 23.11 -8.50
N ARG B 132 14.75 24.31 -9.13
CA ARG B 132 15.18 25.55 -8.47
C ARG B 132 14.54 25.78 -7.12
N LEU B 133 15.34 25.65 -6.07
CA LEU B 133 14.85 25.89 -4.71
C LEU B 133 14.58 27.37 -4.56
N GLN B 134 13.50 27.70 -3.86
CA GLN B 134 13.14 29.09 -3.67
C GLN B 134 13.05 29.47 -2.20
N LYS B 135 13.28 30.74 -1.92
CA LYS B 135 13.30 31.30 -0.58
C LYS B 135 11.93 31.74 -0.05
N VAL B 136 10.82 31.33 -0.69
CA VAL B 136 9.43 31.63 -0.26
C VAL B 136 9.12 33.14 -0.15
N SER B 137 8.23 33.65 -1.02
CA SER B 137 7.81 35.06 -1.01
C SER B 137 6.98 35.43 0.21
N ASP B 138 6.92 36.72 0.53
CA ASP B 138 6.12 37.22 1.64
C ASP B 138 4.62 37.14 1.33
N ASP B 139 4.25 37.25 0.04
CA ASP B 139 2.86 37.15 -0.39
C ASP B 139 2.34 35.71 -0.28
N VAL B 140 3.23 34.72 -0.48
CA VAL B 140 2.86 33.29 -0.37
C VAL B 140 2.59 32.96 1.10
N ARG B 141 3.47 33.39 2.00
CA ARG B 141 3.40 33.19 3.45
C ARG B 141 2.02 33.51 4.02
N ASP B 142 1.57 34.78 3.82
CA ASP B 142 0.30 35.32 4.26
C ASP B 142 -0.93 34.51 3.85
N GLU B 143 -0.80 33.66 2.84
CA GLU B 143 -1.90 32.85 2.38
C GLU B 143 -2.11 31.59 3.24
N TYR B 144 -1.03 30.99 3.73
CA TYR B 144 -1.17 29.81 4.60
C TYR B 144 -0.93 30.08 6.09
N LEU B 145 -0.33 31.23 6.44
CA LEU B 145 -0.03 31.61 7.82
C LEU B 145 -1.29 31.66 8.70
N VAL B 146 -2.45 31.96 8.09
CA VAL B 146 -3.71 32.00 8.80
C VAL B 146 -4.15 30.60 9.29
N PHE B 147 -3.59 29.52 8.71
CA PHE B 147 -3.92 28.14 9.09
C PHE B 147 -2.91 27.51 10.07
N CYS B 148 -1.94 28.30 10.56
CA CYS B 148 -0.88 27.85 11.46
C CYS B 148 -1.00 28.46 12.83
N PRO B 149 -0.60 27.73 13.88
CA PRO B 149 -0.54 28.38 15.21
C PRO B 149 0.59 29.42 15.19
N GLN B 150 0.40 30.53 15.92
CA GLN B 150 1.42 31.58 15.95
C GLN B 150 2.45 31.27 17.04
N GLU B 151 2.00 30.82 18.23
CA GLU B 151 2.93 30.39 19.27
C GLU B 151 3.54 29.07 18.83
N PRO B 152 4.86 28.88 19.02
CA PRO B 152 5.48 27.61 18.59
C PRO B 152 4.91 26.37 19.28
N ARG B 153 4.64 25.34 18.47
CA ARG B 153 4.11 24.06 18.91
C ARG B 153 4.96 23.00 18.19
N LEU B 154 5.93 22.40 18.89
CA LEU B 154 6.82 21.43 18.26
C LEU B 154 6.62 20.02 18.76
N ALA B 155 6.54 19.04 17.83
CA ALA B 155 6.44 17.63 18.18
C ALA B 155 7.73 17.13 18.87
N PHE B 156 8.86 17.74 18.55
CA PHE B 156 10.16 17.42 19.13
C PHE B 156 10.71 18.74 19.65
N PRO B 157 10.25 19.16 20.84
CA PRO B 157 10.69 20.47 21.34
C PRO B 157 12.08 20.48 21.98
N GLU B 158 12.59 19.31 22.41
CA GLU B 158 13.91 19.16 23.02
C GLU B 158 15.01 19.89 22.24
N GLU B 159 15.64 20.92 22.85
CA GLU B 159 16.70 21.67 22.17
C GLU B 159 17.91 20.75 22.04
N ASN B 160 18.40 20.57 20.81
CA ASN B 160 19.47 19.66 20.45
C ASN B 160 19.00 18.19 20.49
N ASN B 161 17.92 17.87 19.76
CA ASN B 161 17.40 16.50 19.70
C ASN B 161 17.74 15.81 18.33
N ARG B 162 17.26 14.58 18.10
CA ARG B 162 17.58 13.78 16.92
C ARG B 162 17.07 14.34 15.58
N SER B 163 15.93 15.05 15.62
CA SER B 163 15.26 15.60 14.44
C SER B 163 16.01 16.69 13.68
N LEU B 164 17.00 17.33 14.32
CA LEU B 164 17.78 18.42 13.71
C LEU B 164 19.26 18.10 13.50
N LYS B 165 19.69 16.85 13.75
CA LYS B 165 21.10 16.49 13.62
C LYS B 165 21.52 16.27 12.18
N LYS B 166 22.74 16.70 11.83
CA LYS B 166 23.30 16.57 10.49
C LYS B 166 23.67 15.10 10.21
N ILE B 167 23.30 14.58 9.02
CA ILE B 167 23.58 13.20 8.61
C ILE B 167 24.77 13.15 7.64
N PRO B 168 25.75 12.28 7.92
CA PRO B 168 26.90 12.18 7.03
C PRO B 168 26.71 11.22 5.84
N LYS B 169 27.57 11.32 4.82
CA LYS B 169 27.47 10.45 3.65
C LYS B 169 28.15 9.10 3.90
N LEU B 170 27.49 7.99 3.49
CA LEU B 170 28.01 6.63 3.65
C LEU B 170 29.24 6.42 2.78
N GLU B 171 30.35 6.03 3.40
CA GLU B 171 31.59 5.79 2.66
C GLU B 171 31.62 4.37 2.11
N ASP B 172 32.03 4.22 0.84
CA ASP B 172 32.15 2.90 0.22
C ASP B 172 33.40 2.19 0.78
N PRO B 173 33.34 0.87 1.01
CA PRO B 173 32.20 -0.03 0.76
C PRO B 173 31.19 -0.13 1.90
N ALA B 174 29.90 -0.34 1.58
CA ALA B 174 28.87 -0.49 2.60
C ALA B 174 28.91 -1.88 3.25
N GLN B 175 28.39 -2.01 4.48
CA GLN B 175 28.39 -3.30 5.16
C GLN B 175 27.41 -4.29 4.54
N TYR B 176 26.22 -3.77 4.19
CA TYR B 176 25.06 -4.44 3.59
C TYR B 176 24.54 -3.58 2.41
N SER B 177 23.89 -4.20 1.42
CA SER B 177 23.33 -3.47 0.28
C SER B 177 22.18 -4.21 -0.39
N MET B 178 21.27 -3.46 -1.06
CA MET B 178 20.18 -4.04 -1.83
C MET B 178 20.11 -3.31 -3.17
N ILE B 179 20.77 -3.86 -4.17
CA ILE B 179 20.94 -3.26 -5.48
C ILE B 179 19.83 -3.66 -6.48
N GLY B 180 19.63 -2.81 -7.47
CA GLY B 180 18.68 -2.98 -8.57
C GLY B 180 17.20 -2.78 -8.29
N LEU B 181 16.86 -1.85 -7.38
CA LEU B 181 15.49 -1.53 -6.99
C LEU B 181 14.78 -0.58 -7.95
N LYS B 182 13.70 -1.04 -8.59
CA LYS B 182 12.94 -0.22 -9.52
C LYS B 182 11.54 -0.01 -8.96
N PRO B 183 11.05 1.22 -9.04
CA PRO B 183 9.67 1.46 -8.60
C PRO B 183 8.64 0.95 -9.64
N ARG B 184 7.50 0.48 -9.18
CA ARG B 184 6.42 0.07 -10.07
C ARG B 184 5.31 1.15 -10.03
N ARG B 185 4.18 0.96 -10.73
CA ARG B 185 3.11 1.95 -10.74
C ARG B 185 2.51 2.18 -9.36
N ALA B 186 2.33 1.12 -8.54
CA ALA B 186 1.84 1.28 -7.16
C ALA B 186 2.74 2.19 -6.31
N ASP B 187 3.99 2.45 -6.74
CA ASP B 187 4.90 3.35 -6.04
C ASP B 187 4.73 4.83 -6.43
N LEU B 188 3.92 5.14 -7.45
CA LEU B 188 3.70 6.51 -7.90
C LEU B 188 2.49 7.13 -7.20
N ASP B 189 2.47 8.46 -7.10
CA ASP B 189 1.33 9.18 -6.56
C ASP B 189 0.38 9.58 -7.74
N MET B 190 -0.65 10.41 -7.48
CA MET B 190 -1.57 10.85 -8.54
C MET B 190 -0.94 11.80 -9.58
N ASN B 191 0.24 12.35 -9.27
CA ASN B 191 0.96 13.22 -10.22
C ASN B 191 2.06 12.46 -11.01
N GLN B 192 2.13 11.12 -10.87
CA GLN B 192 3.05 10.17 -11.50
C GLN B 192 4.51 10.24 -10.96
N HIS B 193 4.73 10.97 -9.86
CA HIS B 193 6.04 11.08 -9.20
C HIS B 193 6.19 9.94 -8.18
N VAL B 194 7.44 9.51 -7.83
CA VAL B 194 7.62 8.45 -6.83
C VAL B 194 7.15 8.96 -5.44
N ASN B 195 6.39 8.13 -4.69
CA ASN B 195 5.81 8.44 -3.38
C ASN B 195 6.94 8.53 -2.33
N ASN B 196 6.89 9.56 -1.46
CA ASN B 196 7.93 9.77 -0.45
C ASN B 196 8.14 8.54 0.46
N VAL B 197 7.07 7.74 0.70
CA VAL B 197 7.08 6.52 1.51
C VAL B 197 7.92 5.40 0.88
N THR B 198 7.94 5.30 -0.46
CA THR B 198 8.73 4.26 -1.16
C THR B 198 10.21 4.32 -0.79
N TYR B 199 10.77 5.56 -0.68
CA TYR B 199 12.19 5.72 -0.34
C TYR B 199 12.50 5.10 1.05
N ILE B 200 11.54 5.19 1.99
CA ILE B 200 11.65 4.58 3.33
C ILE B 200 11.78 3.07 3.18
N GLY B 201 10.93 2.48 2.35
CA GLY B 201 10.98 1.06 2.06
C GLY B 201 12.30 0.64 1.44
N TRP B 202 12.84 1.50 0.57
CA TRP B 202 14.10 1.20 -0.09
C TRP B 202 15.28 1.27 0.85
N VAL B 203 15.30 2.22 1.77
CA VAL B 203 16.36 2.34 2.79
C VAL B 203 16.41 1.05 3.63
N LEU B 204 15.21 0.65 4.11
CA LEU B 204 14.97 -0.51 4.96
C LEU B 204 15.23 -1.85 4.30
N GLU B 205 15.26 -1.92 2.94
CA GLU B 205 15.51 -3.16 2.19
C GLU B 205 16.94 -3.67 2.32
N SER B 206 17.88 -2.79 2.71
CA SER B 206 19.26 -3.21 2.86
C SER B 206 19.58 -3.71 4.28
N ILE B 207 18.69 -3.45 5.27
CA ILE B 207 18.80 -3.92 6.66
C ILE B 207 18.71 -5.46 6.68
N PRO B 208 19.62 -6.18 7.37
CA PRO B 208 19.53 -7.64 7.38
C PRO B 208 18.23 -8.12 8.02
N GLN B 209 17.67 -9.22 7.50
CA GLN B 209 16.44 -9.80 8.03
C GLN B 209 16.53 -10.12 9.52
N GLU B 210 17.73 -10.49 9.99
CA GLU B 210 18.01 -10.79 11.40
C GLU B 210 17.79 -9.58 12.32
N ILE B 211 17.99 -8.37 11.81
CA ILE B 211 17.70 -7.16 12.60
C ILE B 211 16.19 -6.97 12.64
N VAL B 212 15.52 -7.09 11.50
CA VAL B 212 14.07 -6.93 11.38
C VAL B 212 13.30 -7.91 12.30
N ASP B 213 13.82 -9.15 12.42
CA ASP B 213 13.26 -10.24 13.24
C ASP B 213 13.49 -10.15 14.78
N THR B 214 14.65 -9.63 15.21
CA THR B 214 14.98 -9.53 16.63
C THR B 214 14.81 -8.12 17.24
N HIS B 215 14.77 -7.10 16.39
CA HIS B 215 14.65 -5.70 16.77
C HIS B 215 13.42 -5.06 16.16
N GLU B 216 12.96 -3.93 16.74
CA GLU B 216 11.87 -3.11 16.22
C GLU B 216 12.43 -1.73 15.86
N LEU B 217 11.96 -1.12 14.74
CA LEU B 217 12.42 0.24 14.41
C LEU B 217 11.93 1.30 15.40
N GLN B 218 12.86 2.06 15.99
CA GLN B 218 12.50 3.12 16.92
C GLN B 218 12.53 4.52 16.27
N VAL B 219 13.67 4.94 15.74
CA VAL B 219 13.81 6.25 15.11
C VAL B 219 14.23 6.09 13.67
N ILE B 220 13.72 6.95 12.79
CA ILE B 220 14.13 7.02 11.39
C ILE B 220 14.15 8.49 10.95
N THR B 221 15.28 8.93 10.38
CA THR B 221 15.45 10.30 9.87
C THR B 221 15.88 10.15 8.43
N LEU B 222 15.15 10.77 7.50
CA LEU B 222 15.45 10.67 6.10
C LEU B 222 15.57 12.03 5.45
N ASP B 223 16.74 12.31 4.89
CA ASP B 223 17.03 13.53 4.16
C ASP B 223 16.75 13.22 2.67
N TYR B 224 15.97 14.05 1.98
CA TYR B 224 15.61 13.91 0.56
C TYR B 224 16.40 14.97 -0.25
N ARG B 225 17.16 14.53 -1.24
CA ARG B 225 18.05 15.42 -1.99
C ARG B 225 17.66 15.59 -3.45
N ARG B 226 17.19 14.51 -4.06
CA ARG B 226 16.79 14.41 -5.46
C ARG B 226 15.72 13.33 -5.57
N GLU B 227 14.85 13.43 -6.59
N GLU B 227 14.85 13.43 -6.59
N GLU B 227 14.85 13.43 -6.59
CA GLU B 227 13.79 12.46 -6.81
CA GLU B 227 13.79 12.46 -6.78
CA GLU B 227 13.79 12.46 -6.81
C GLU B 227 14.21 11.36 -7.77
C GLU B 227 14.19 11.36 -7.77
C GLU B 227 14.21 11.36 -7.77
N CYS B 228 13.70 10.14 -7.56
CA CYS B 228 13.99 9.02 -8.44
C CYS B 228 12.86 8.99 -9.48
N GLN B 229 13.20 8.99 -10.78
CA GLN B 229 12.21 8.97 -11.85
C GLN B 229 11.70 7.54 -12.12
N GLN B 230 10.56 7.41 -12.83
CA GLN B 230 9.94 6.12 -13.15
C GLN B 230 10.93 5.07 -13.71
N ASP B 231 11.73 5.45 -14.71
CA ASP B 231 12.69 4.55 -15.36
C ASP B 231 14.05 4.40 -14.64
N ASP B 232 14.24 5.11 -13.52
CA ASP B 232 15.48 5.01 -12.76
C ASP B 232 15.53 3.71 -11.90
N VAL B 233 16.75 3.20 -11.64
CA VAL B 233 17.07 2.01 -10.85
C VAL B 233 17.84 2.50 -9.61
N VAL B 234 17.58 1.95 -8.42
CA VAL B 234 18.22 2.43 -7.19
C VAL B 234 19.02 1.36 -6.42
N ASP B 235 20.09 1.81 -5.74
CA ASP B 235 20.94 1.02 -4.85
C ASP B 235 20.80 1.56 -3.40
N SER B 236 20.48 0.67 -2.47
CA SER B 236 20.26 0.97 -1.05
C SER B 236 21.47 0.46 -0.22
N LEU B 237 22.20 1.37 0.45
CA LEU B 237 23.38 0.97 1.22
C LEU B 237 23.21 1.15 2.73
N THR B 238 23.83 0.27 3.54
CA THR B 238 23.72 0.28 4.99
C THR B 238 25.02 -0.17 5.66
N THR B 239 25.42 0.54 6.72
CA THR B 239 26.59 0.20 7.55
C THR B 239 26.21 0.47 9.01
N THR B 240 26.53 -0.47 9.92
CA THR B 240 26.21 -0.35 11.35
C THR B 240 27.15 0.66 11.99
N THR B 241 26.61 1.67 12.70
CA THR B 241 27.47 2.67 13.37
C THR B 241 27.51 2.51 14.90
N SER B 242 27.21 1.31 15.40
CA SER B 242 27.22 1.08 16.85
C SER B 242 27.89 -0.26 17.26
N ASP B 260 21.33 -1.37 21.74
CA ASP B 260 20.65 -0.82 20.57
C ASP B 260 21.50 -0.84 19.33
N SER B 261 20.86 -1.00 18.16
CA SER B 261 21.57 -0.98 16.90
C SER B 261 21.27 0.32 16.14
N GLN B 262 22.30 0.96 15.62
CA GLN B 262 22.18 2.20 14.84
C GLN B 262 22.81 1.97 13.46
N PHE B 263 22.20 2.53 12.40
CA PHE B 263 22.72 2.35 11.05
C PHE B 263 22.89 3.66 10.28
N LEU B 264 23.62 3.61 9.16
CA LEU B 264 23.82 4.76 8.27
C LEU B 264 23.34 4.31 6.89
N HIS B 265 22.50 5.12 6.26
CA HIS B 265 21.90 4.74 4.98
C HIS B 265 22.22 5.69 3.83
N LEU B 266 22.26 5.15 2.61
CA LEU B 266 22.49 5.96 1.40
C LEU B 266 21.75 5.34 0.22
N LEU B 267 20.86 6.13 -0.42
CA LEU B 267 20.16 5.72 -1.63
C LEU B 267 20.82 6.44 -2.77
N ARG B 268 21.24 5.72 -3.80
CA ARG B 268 21.88 6.30 -4.97
C ARG B 268 21.44 5.58 -6.23
N LEU B 269 21.48 6.26 -7.38
CA LEU B 269 21.08 5.64 -8.65
C LEU B 269 22.13 4.68 -9.17
N SER B 270 21.73 3.40 -9.42
CA SER B 270 22.61 2.30 -9.85
C SER B 270 23.67 2.64 -10.87
N GLY B 271 23.29 3.51 -11.78
CA GLY B 271 24.18 3.93 -12.84
C GLY B 271 25.34 4.78 -12.39
N ASP B 272 25.14 6.11 -12.45
CA ASP B 272 26.17 7.10 -12.15
C ASP B 272 26.55 7.20 -10.66
N GLY B 273 25.75 6.63 -9.76
CA GLY B 273 26.01 6.73 -8.33
C GLY B 273 25.51 8.02 -7.72
N GLN B 274 24.62 8.74 -8.42
CA GLN B 274 24.01 9.99 -7.98
C GLN B 274 23.18 9.82 -6.68
N GLU B 275 23.49 10.62 -5.64
CA GLU B 275 22.76 10.56 -4.38
C GLU B 275 21.32 11.06 -4.49
N ILE B 276 20.39 10.31 -3.92
CA ILE B 276 18.99 10.68 -3.87
C ILE B 276 18.53 10.83 -2.40
N ASN B 277 19.03 9.97 -1.50
CA ASN B 277 18.67 10.02 -0.08
C ASN B 277 19.83 9.63 0.79
N ARG B 278 19.79 10.08 2.04
CA ARG B 278 20.70 9.71 3.12
C ARG B 278 19.91 9.71 4.46
N GLY B 279 20.33 8.85 5.39
CA GLY B 279 19.63 8.79 6.69
C GLY B 279 20.26 7.87 7.70
N THR B 280 19.60 7.72 8.84
CA THR B 280 20.00 6.86 9.97
C THR B 280 18.73 6.21 10.55
N THR B 281 18.91 5.01 11.12
CA THR B 281 17.83 4.29 11.80
C THR B 281 18.32 3.85 13.18
N LEU B 282 17.41 3.80 14.15
CA LEU B 282 17.73 3.36 15.50
C LEU B 282 16.77 2.21 15.82
N TRP B 283 17.31 1.07 16.29
CA TRP B 283 16.51 -0.11 16.58
C TRP B 283 16.78 -0.59 18.00
N ARG B 284 15.71 -1.05 18.69
CA ARG B 284 15.77 -1.60 20.06
C ARG B 284 15.53 -3.13 20.03
N LYS B 285 16.16 -3.90 20.93
CA LYS B 285 15.92 -5.34 21.00
C LYS B 285 14.49 -5.61 21.49
N LYS B 286 13.73 -6.45 20.76
CA LYS B 286 12.34 -6.79 21.12
C LYS B 286 12.26 -7.45 22.50
N1 K3J C . -13.25 -17.87 2.83
C4 K3J C . -12.83 -20.20 3.04
C5 K3J C . -12.68 -18.99 2.37
C6 K3J C . -11.80 -18.84 1.17
N K3J C . -15.05 -19.02 5.64
C K3J C . -16.49 -17.36 6.72
C1 K3J C . -15.11 -17.92 6.60
C2 K3J C . -14.21 -19.04 4.59
C3 K3J C . -13.67 -20.25 4.13
N2 K3J C . -14.08 -17.91 3.90
N1 K3J D . 1.64 21.82 4.76
C4 K3J D . 2.61 23.69 3.69
C5 K3J D . 2.68 22.40 4.18
C6 K3J D . 3.93 21.57 4.04
N K3J D . -0.81 24.41 4.69
C K3J D . -2.30 23.92 6.57
C1 K3J D . -2.04 23.74 5.10
C2 K3J D . 0.37 23.75 4.49
C3 K3J D . 1.44 24.40 3.87
N2 K3J D . 0.49 22.51 4.96
#